data_3M9Q
#
_entry.id   3M9Q
#
_cell.length_a   60.407
_cell.length_b   60.407
_cell.length_c   113.805
_cell.angle_alpha   90.00
_cell.angle_beta   90.00
_cell.angle_gamma   120.00
#
_symmetry.space_group_name_H-M   'P 32 2 1'
#
loop_
_entity.id
_entity.type
_entity.pdbx_description
1 polymer 'Protein male-specific lethal-3'
2 water water
#
_entity_poly.entity_id   1
_entity_poly.type   'polypeptide(L)'
_entity_poly.pdbx_seq_one_letter_code
;MKKHHHHHHMTELRDETPLFHKGEIVLCYEPDKSKARVLYTSKVLNVFERRNEHGLRFYEYKIHFQGWRPSYDRAVRATV
LLKDTEENRQLQRELAEAAKL
;
_entity_poly.pdbx_strand_id   A,B
#
# COMPACT_ATOMS: atom_id res chain seq x y z
N LEU A 13 -30.82 9.28 -18.75
N LEU A 13 -28.85 8.05 -18.37
CA LEU A 13 -29.83 8.30 -18.23
CA LEU A 13 -29.32 6.90 -19.20
C LEU A 13 -30.46 7.25 -17.31
C LEU A 13 -29.93 5.84 -18.28
N ARG A 14 -29.60 6.47 -16.66
N ARG A 14 -29.20 5.48 -17.24
CA ARG A 14 -29.99 5.18 -16.06
CA ARG A 14 -29.75 4.57 -16.26
C ARG A 14 -29.10 4.72 -14.90
C ARG A 14 -29.12 4.73 -14.90
N ASP A 15 -29.69 4.01 -13.96
CA ASP A 15 -29.02 3.67 -12.71
C ASP A 15 -27.73 2.91 -13.00
N GLU A 16 -26.68 3.26 -12.27
CA GLU A 16 -25.55 2.38 -12.14
C GLU A 16 -25.89 1.19 -11.26
N THR A 17 -25.09 0.15 -11.40
CA THR A 17 -25.06 -0.97 -10.49
C THR A 17 -23.78 -0.85 -9.66
N PRO A 18 -23.82 -1.16 -8.36
CA PRO A 18 -22.57 -1.14 -7.61
C PRO A 18 -21.71 -2.31 -8.02
N LEU A 19 -20.44 -2.04 -8.30
CA LEU A 19 -19.56 -3.02 -8.94
C LEU A 19 -18.44 -3.51 -8.05
N PHE A 20 -18.21 -2.80 -6.96
CA PHE A 20 -17.13 -3.11 -6.01
C PHE A 20 -17.69 -3.03 -4.59
N HIS A 21 -17.03 -3.69 -3.66
CA HIS A 21 -17.53 -3.76 -2.28
C HIS A 21 -16.50 -3.31 -1.26
N LYS A 22 -16.98 -2.87 -0.12
CA LYS A 22 -16.11 -2.52 1.00
C LYS A 22 -15.15 -3.66 1.31
N GLY A 23 -13.87 -3.32 1.44
CA GLY A 23 -12.82 -4.28 1.76
C GLY A 23 -12.11 -4.85 0.55
N GLU A 24 -12.71 -4.68 -0.62
CA GLU A 24 -12.13 -5.22 -1.87
C GLU A 24 -10.84 -4.52 -2.25
N ILE A 25 -9.90 -5.30 -2.74
CA ILE A 25 -8.69 -4.74 -3.37
C ILE A 25 -9.02 -4.50 -4.83
N VAL A 26 -8.76 -3.28 -5.27
CA VAL A 26 -9.05 -2.83 -6.64
C VAL A 26 -7.85 -2.07 -7.18
N LEU A 27 -7.79 -1.92 -8.50
CA LEU A 27 -6.73 -1.15 -9.11
C LEU A 27 -7.33 0.14 -9.66
N CYS A 28 -6.73 1.26 -9.31
CA CYS A 28 -7.28 2.58 -9.63
C CYS A 28 -6.39 3.33 -10.59
N TYR A 29 -6.97 3.84 -11.66
CA TYR A 29 -6.22 4.65 -12.62
C TYR A 29 -5.80 5.98 -12.03
N GLU A 30 -4.58 6.36 -12.35
CA GLU A 30 -4.06 7.70 -12.06
C GLU A 30 -5.02 8.78 -12.58
N PRO A 31 -5.44 9.72 -11.72
CA PRO A 31 -6.40 10.74 -12.18
C PRO A 31 -5.78 11.89 -12.99
N ASP A 32 -4.49 12.13 -12.82
CA ASP A 32 -3.80 13.20 -13.54
C ASP A 32 -3.64 12.84 -15.02
N LYS A 33 -4.36 13.56 -15.87
CA LYS A 33 -4.39 13.27 -17.32
C LYS A 33 -3.13 13.69 -18.06
N SER A 34 -2.21 14.35 -17.36
CA SER A 34 -0.93 14.72 -17.96
C SER A 34 0.10 13.60 -17.85
N LYS A 35 -0.27 12.56 -17.11
CA LYS A 35 0.66 11.47 -16.81
C LYS A 35 0.41 10.25 -17.67
N ALA A 36 1.48 9.55 -18.01
CA ALA A 36 1.34 8.21 -18.60
C ALA A 36 0.43 7.38 -17.69
N ARG A 37 -0.50 6.65 -18.29
CA ARG A 37 -1.51 5.93 -17.50
C ARG A 37 -0.87 4.84 -16.67
N VAL A 38 -1.22 4.82 -15.40
CA VAL A 38 -0.77 3.80 -14.44
C VAL A 38 -1.90 3.48 -13.49
N LEU A 39 -1.76 2.33 -12.83
CA LEU A 39 -2.74 1.80 -11.88
C LEU A 39 -2.15 1.67 -10.50
N TYR A 40 -2.94 2.08 -9.51
CA TYR A 40 -2.55 1.99 -8.10
C TYR A 40 -3.36 0.93 -7.38
N THR A 41 -2.67 0.05 -6.66
CA THR A 41 -3.33 -0.95 -5.84
C THR A 41 -4.00 -0.26 -4.65
N SER A 42 -5.29 -0.50 -4.52
CA SER A 42 -6.14 0.25 -3.61
C SER A 42 -7.12 -0.66 -2.86
N LYS A 43 -7.67 -0.14 -1.77
CA LYS A 43 -8.64 -0.85 -0.95
C LYS A 43 -9.88 0.00 -0.82
N VAL A 44 -11.04 -0.60 -1.03
CA VAL A 44 -12.32 0.11 -0.93
C VAL A 44 -12.70 0.26 0.54
N LEU A 45 -12.89 1.51 0.93
CA LEU A 45 -13.24 1.88 2.31
C LEU A 45 -14.73 2.02 2.51
N ASN A 46 -15.43 2.45 1.48
CA ASN A 46 -16.87 2.75 1.56
C ASN A 46 -17.46 2.82 0.17
N VAL A 47 -18.71 2.41 0.07
CA VAL A 47 -19.50 2.55 -1.15
C VAL A 47 -20.77 3.34 -0.83
N PHE A 48 -20.88 4.52 -1.42
CA PHE A 48 -21.96 5.46 -1.14
C PHE A 48 -22.86 5.63 -2.36
N GLU A 49 -24.14 5.34 -2.15
CA GLU A 49 -25.16 5.46 -3.19
C GLU A 49 -25.74 6.86 -3.20
N ARG A 50 -25.73 7.47 -4.38
CA ARG A 50 -26.24 8.83 -4.59
C ARG A 50 -27.15 8.84 -5.80
N ARG A 51 -27.95 9.88 -5.92
CA ARG A 51 -28.73 10.11 -7.13
C ARG A 51 -28.33 11.42 -7.75
N ASN A 52 -28.24 11.40 -9.09
CA ASN A 52 -27.91 12.60 -9.87
C ASN A 52 -29.13 13.45 -10.15
N GLU A 53 -28.93 14.39 -11.06
N GLU A 53 -28.94 14.41 -11.05
CA GLU A 53 -29.91 15.46 -11.30
CA GLU A 53 -29.94 15.45 -11.27
C GLU A 53 -31.11 14.89 -12.03
C GLU A 53 -31.15 14.84 -11.95
N HIS A 54 -30.91 13.70 -12.57
CA HIS A 54 -31.95 12.99 -13.35
C HIS A 54 -32.68 11.98 -12.48
N GLY A 55 -32.26 11.93 -11.23
CA GLY A 55 -32.85 11.01 -10.25
C GLY A 55 -32.35 9.58 -10.35
N LEU A 56 -31.26 9.39 -11.07
CA LEU A 56 -30.69 8.05 -11.26
C LEU A 56 -29.49 7.83 -10.35
N ARG A 57 -29.29 6.58 -9.98
CA ARG A 57 -28.27 6.21 -9.00
C ARG A 57 -26.88 6.14 -9.57
N PHE A 58 -25.93 6.59 -8.77
CA PHE A 58 -24.50 6.35 -9.03
C PHE A 58 -23.79 6.10 -7.71
N TYR A 59 -22.60 5.54 -7.81
CA TYR A 59 -21.83 5.09 -6.65
C TYR A 59 -20.51 5.81 -6.52
N GLU A 60 -20.24 6.27 -5.31
CA GLU A 60 -18.97 6.88 -4.94
C GLU A 60 -18.19 5.90 -4.10
N TYR A 61 -17.01 5.52 -4.61
CA TYR A 61 -16.14 4.56 -3.94
C TYR A 61 -15.01 5.27 -3.26
N LYS A 62 -15.08 5.33 -1.93
CA LYS A 62 -13.96 5.88 -1.17
C LYS A 62 -12.88 4.81 -1.10
N ILE A 63 -11.69 5.18 -1.54
CA ILE A 63 -10.57 4.24 -1.58
C ILE A 63 -9.34 4.74 -0.87
N HIS A 64 -8.58 3.77 -0.41
CA HIS A 64 -7.27 3.93 0.20
C HIS A 64 -6.21 3.39 -0.75
N PHE A 65 -5.13 4.14 -0.90
CA PHE A 65 -4.01 3.70 -1.74
C PHE A 65 -3.04 2.92 -0.88
N GLN A 66 -2.90 1.65 -1.22
CA GLN A 66 -2.12 0.75 -0.38
C GLN A 66 -0.67 1.24 -0.28
N GLY A 67 -0.19 1.35 0.95
CA GLY A 67 1.18 1.77 1.23
C GLY A 67 1.31 3.26 1.42
N TRP A 68 0.20 3.96 1.33
CA TRP A 68 0.15 5.41 1.56
C TRP A 68 -0.63 5.75 2.81
N ARG A 69 -0.32 6.88 3.41
CA ARG A 69 -1.05 7.32 4.61
C ARG A 69 -2.48 7.71 4.25
N PRO A 70 -3.40 7.69 5.24
CA PRO A 70 -4.81 7.92 4.98
C PRO A 70 -5.15 9.29 4.40
N SER A 71 -4.26 10.26 4.55
CA SER A 71 -4.57 11.61 4.06
C SER A 71 -4.75 11.59 2.54
N TYR A 72 -4.26 10.52 1.92
CA TYR A 72 -4.33 10.38 0.44
C TYR A 72 -5.62 9.74 -0.03
N ASP A 73 -6.44 9.30 0.92
CA ASP A 73 -7.71 8.63 0.59
C ASP A 73 -8.59 9.56 -0.23
N ARG A 74 -9.27 8.99 -1.23
CA ARG A 74 -10.10 9.73 -2.20
C ARG A 74 -11.36 8.96 -2.57
N ALA A 75 -12.42 9.67 -2.91
CA ALA A 75 -13.64 9.09 -3.50
C ALA A 75 -13.59 9.18 -5.02
N VAL A 76 -13.86 8.05 -5.66
CA VAL A 76 -13.83 7.93 -7.12
C VAL A 76 -15.06 7.21 -7.68
N ARG A 77 -15.22 7.33 -8.99
CA ARG A 77 -16.29 6.62 -9.72
C ARG A 77 -15.80 5.27 -10.23
N ALA A 78 -16.73 4.40 -10.55
CA ALA A 78 -16.41 3.02 -10.95
C ALA A 78 -15.53 3.00 -12.19
N THR A 79 -15.64 4.03 -13.00
N THR A 79 -15.63 4.07 -12.95
CA THR A 79 -14.99 4.02 -14.31
CA THR A 79 -15.02 4.16 -14.28
C THR A 79 -13.47 3.97 -14.21
C THR A 79 -13.51 4.02 -14.21
N VAL A 80 -12.93 4.40 -13.09
CA VAL A 80 -11.47 4.43 -12.94
C VAL A 80 -10.93 3.22 -12.19
N LEU A 81 -11.83 2.31 -11.84
CA LEU A 81 -11.47 1.12 -11.07
C LEU A 81 -11.48 -0.14 -11.92
N LEU A 82 -10.56 -1.05 -11.60
CA LEU A 82 -10.48 -2.38 -12.20
C LEU A 82 -10.46 -3.44 -11.13
N LYS A 83 -11.09 -4.56 -11.44
CA LYS A 83 -11.01 -5.76 -10.61
C LYS A 83 -9.58 -6.29 -10.52
N ASP A 84 -9.27 -6.88 -9.37
CA ASP A 84 -7.91 -7.37 -9.06
C ASP A 84 -7.62 -8.75 -9.63
N THR A 85 -7.89 -8.89 -10.91
CA THR A 85 -7.63 -10.13 -11.66
C THR A 85 -6.17 -10.21 -12.08
N GLU A 86 -5.72 -11.42 -12.41
CA GLU A 86 -4.35 -11.61 -12.89
C GLU A 86 -4.09 -10.74 -14.11
N GLU A 87 -5.08 -10.66 -14.99
CA GLU A 87 -4.91 -9.91 -16.23
C GLU A 87 -4.70 -8.42 -15.94
N ASN A 88 -5.45 -7.89 -14.98
CA ASN A 88 -5.31 -6.49 -14.64
C ASN A 88 -4.04 -6.21 -13.83
N ARG A 89 -3.59 -7.20 -13.06
CA ARG A 89 -2.29 -7.10 -12.39
C ARG A 89 -1.17 -7.01 -13.40
N GLN A 90 -1.28 -7.79 -14.47
CA GLN A 90 -0.28 -7.75 -15.54
C GLN A 90 -0.34 -6.41 -16.26
N LEU A 91 -1.54 -5.90 -16.50
CA LEU A 91 -1.70 -4.59 -17.13
C LEU A 91 -1.00 -3.52 -16.29
N GLN A 92 -1.21 -3.60 -14.98
CA GLN A 92 -0.58 -2.64 -14.07
C GLN A 92 0.95 -2.68 -14.21
N ARG A 93 1.50 -3.88 -14.30
CA ARG A 93 2.96 -4.03 -14.41
C ARG A 93 3.47 -3.49 -15.76
N GLU A 94 2.70 -3.73 -16.81
N GLU A 94 2.68 -3.73 -16.80
CA GLU A 94 3.05 -3.25 -18.15
CA GLU A 94 3.02 -3.26 -18.14
C GLU A 94 3.05 -1.73 -18.18
C GLU A 94 3.03 -1.74 -18.19
N LEU A 95 1.99 -1.14 -17.62
CA LEU A 95 1.86 0.31 -17.60
C LEU A 95 2.97 0.97 -16.78
N ALA A 96 3.32 0.31 -15.69
CA ALA A 96 4.33 0.86 -14.78
C ALA A 96 5.67 0.91 -15.49
N GLU A 97 5.96 -0.12 -16.25
CA GLU A 97 7.21 -0.19 -17.01
C GLU A 97 7.21 0.86 -18.11
N ALA A 98 6.06 1.03 -18.75
CA ALA A 98 5.98 1.94 -19.91
C ALA A 98 6.18 3.35 -19.42
N ALA A 99 5.71 3.61 -18.22
N ALA A 99 5.76 3.56 -18.18
CA ALA A 99 5.78 4.96 -17.67
CA ALA A 99 5.69 4.90 -17.57
C ALA A 99 7.24 5.33 -17.44
C ALA A 99 7.00 5.35 -16.90
N LYS A 100 8.11 4.32 -17.39
N LYS A 100 8.01 4.49 -16.95
CA LYS A 100 9.51 4.52 -17.01
CA LYS A 100 9.27 4.81 -16.29
C LYS A 100 10.41 4.52 -18.21
C LYS A 100 10.24 5.51 -17.24
N LEU A 101 9.81 4.19 -19.33
N LEU A 101 9.97 5.57 -18.48
CA LEU A 101 10.52 4.08 -20.62
CA LEU A 101 10.59 6.57 -19.36
C LEU A 101 10.92 5.46 -21.11
C LEU A 101 10.07 8.03 -19.06
N LEU B 13 -1.61 -20.32 1.23
CA LEU B 13 -1.05 -19.28 0.31
C LEU B 13 -2.09 -18.22 0.00
N ARG B 14 -1.69 -16.98 0.22
CA ARG B 14 -2.56 -15.84 -0.07
C ARG B 14 -1.78 -14.58 -0.32
N ASP B 15 -2.45 -13.64 -0.98
CA ASP B 15 -1.90 -12.28 -1.14
C ASP B 15 -1.67 -11.69 0.24
N GLU B 16 -0.54 -11.01 0.39
CA GLU B 16 -0.28 -10.24 1.59
C GLU B 16 -0.97 -8.89 1.43
N THR B 17 -1.34 -8.32 2.55
CA THR B 17 -1.79 -6.94 2.60
C THR B 17 -0.74 -6.12 3.34
N PRO B 18 -0.63 -4.84 3.00
CA PRO B 18 0.37 -4.02 3.66
C PRO B 18 -0.06 -3.69 5.07
N LEU B 19 0.91 -3.55 5.95
CA LEU B 19 0.66 -3.28 7.36
C LEU B 19 1.22 -1.95 7.82
N PHE B 20 2.03 -1.35 6.96
CA PHE B 20 2.67 -0.05 7.25
C PHE B 20 2.66 0.80 6.00
N HIS B 21 2.75 2.11 6.17
CA HIS B 21 2.74 3.04 5.06
C HIS B 21 4.00 3.90 4.99
N LYS B 22 4.20 4.50 3.83
CA LYS B 22 5.36 5.35 3.60
C LYS B 22 5.38 6.47 4.61
N GLY B 23 6.54 6.66 5.24
CA GLY B 23 6.75 7.73 6.22
C GLY B 23 6.42 7.35 7.63
N GLU B 24 5.80 6.19 7.81
CA GLU B 24 5.38 5.77 9.15
C GLU B 24 6.57 5.53 10.07
N ILE B 25 6.42 5.97 11.31
CA ILE B 25 7.38 5.67 12.37
C ILE B 25 6.99 4.34 12.99
N VAL B 26 7.95 3.43 12.97
CA VAL B 26 7.75 2.04 13.38
C VAL B 26 8.89 1.56 14.26
N LEU B 27 8.78 0.33 14.73
CA LEU B 27 9.87 -0.34 15.44
C LEU B 27 10.33 -1.51 14.58
N CYS B 28 11.65 -1.67 14.48
CA CYS B 28 12.24 -2.75 13.67
C CYS B 28 13.26 -3.53 14.47
N TYR B 29 13.13 -4.85 14.44
CA TYR B 29 14.12 -5.73 15.06
C TYR B 29 15.48 -5.65 14.37
N GLU B 30 16.52 -5.75 15.19
CA GLU B 30 17.90 -5.89 14.70
C GLU B 30 17.96 -7.10 13.76
N PRO B 31 18.46 -6.89 12.53
CA PRO B 31 18.39 -7.96 11.52
C PRO B 31 19.40 -9.08 11.73
N ASP B 32 20.45 -8.78 12.47
CA ASP B 32 21.53 -9.74 12.74
C ASP B 32 21.20 -10.61 13.94
N LYS B 33 20.90 -11.87 13.64
CA LYS B 33 20.33 -12.79 14.63
C LYS B 33 21.40 -13.24 15.60
N SER B 34 22.62 -12.82 15.31
CA SER B 34 23.79 -13.23 16.10
C SER B 34 24.09 -12.12 17.09
N LYS B 35 23.29 -11.07 16.99
CA LYS B 35 23.39 -9.94 17.90
C LYS B 35 22.26 -9.94 18.89
N ALA B 36 22.40 -9.07 19.86
CA ALA B 36 21.39 -8.91 20.91
C ALA B 36 20.07 -8.52 20.28
N ARG B 37 19.03 -9.22 20.70
CA ARG B 37 17.65 -8.94 20.23
C ARG B 37 17.17 -7.60 20.75
N VAL B 38 17.10 -6.64 19.85
CA VAL B 38 16.62 -5.30 20.18
C VAL B 38 15.76 -4.69 19.08
N LEU B 39 15.07 -3.64 19.46
CA LEU B 39 14.18 -2.89 18.57
C LEU B 39 14.68 -1.48 18.35
N TYR B 40 14.74 -1.08 17.09
CA TYR B 40 15.10 0.29 16.74
C TYR B 40 13.90 1.09 16.27
N THR B 41 13.76 2.29 16.81
CA THR B 41 12.77 3.25 16.29
C THR B 41 13.22 3.66 14.90
N SER B 42 12.31 3.52 13.96
CA SER B 42 12.61 3.59 12.53
C SER B 42 11.55 4.31 11.73
N LYS B 43 11.92 4.67 10.51
CA LYS B 43 11.01 5.28 9.55
C LYS B 43 10.92 4.45 8.30
N VAL B 44 9.70 4.24 7.82
CA VAL B 44 9.49 3.56 6.55
C VAL B 44 9.76 4.52 5.41
N LEU B 45 10.81 4.24 4.64
CA LEU B 45 11.22 5.09 3.52
C LEU B 45 10.45 4.77 2.26
N ASN B 46 10.14 3.48 2.08
CA ASN B 46 9.45 2.99 0.88
C ASN B 46 8.68 1.73 1.21
N VAL B 47 7.51 1.59 0.57
CA VAL B 47 6.75 0.36 0.56
C VAL B 47 6.83 -0.23 -0.84
N PHE B 48 7.29 -1.46 -0.92
CA PHE B 48 7.41 -2.17 -2.20
C PHE B 48 6.39 -3.29 -2.28
N GLU B 49 5.49 -3.19 -3.25
CA GLU B 49 4.59 -4.30 -3.58
C GLU B 49 5.33 -5.16 -4.59
N ARG B 50 5.47 -6.43 -4.26
CA ARG B 50 6.21 -7.39 -5.08
C ARG B 50 5.34 -8.57 -5.45
N ARG B 51 5.69 -9.25 -6.54
CA ARG B 51 4.99 -10.43 -7.03
C ARG B 51 5.87 -11.64 -6.83
N ASN B 52 5.29 -12.71 -6.28
CA ASN B 52 6.01 -13.98 -6.14
C ASN B 52 5.68 -14.96 -7.24
N GLU B 53 6.10 -16.18 -6.93
N GLU B 53 6.27 -16.14 -7.21
CA GLU B 53 6.25 -17.28 -7.88
CA GLU B 53 6.14 -17.02 -8.38
C GLU B 53 4.91 -17.89 -8.23
C GLU B 53 4.70 -17.50 -8.54
N HIS B 54 3.94 -17.46 -7.46
CA HIS B 54 2.55 -17.92 -7.53
C HIS B 54 1.65 -16.82 -8.09
N GLY B 55 2.27 -15.68 -8.39
CA GLY B 55 1.54 -14.49 -8.85
C GLY B 55 0.93 -13.69 -7.73
N LEU B 56 1.22 -14.06 -6.49
CA LEU B 56 0.60 -13.40 -5.33
C LEU B 56 1.46 -12.24 -4.83
N ARG B 57 0.82 -11.32 -4.13
CA ARG B 57 1.49 -10.13 -3.57
C ARG B 57 2.22 -10.43 -2.33
N PHE B 58 3.39 -9.83 -2.22
CA PHE B 58 4.06 -9.70 -0.92
C PHE B 58 4.64 -8.29 -0.83
N TYR B 59 4.92 -7.86 0.39
CA TYR B 59 5.45 -6.52 0.65
C TYR B 59 6.83 -6.54 1.28
N GLU B 60 7.66 -5.62 0.81
CA GLU B 60 8.92 -5.31 1.48
C GLU B 60 8.92 -3.84 1.82
N TYR B 61 9.63 -3.50 2.88
CA TYR B 61 9.67 -2.14 3.40
C TYR B 61 11.10 -1.69 3.55
N LYS B 62 11.46 -0.58 2.91
CA LYS B 62 12.77 0.02 3.13
C LYS B 62 12.69 0.83 4.40
N ILE B 63 13.56 0.44 5.33
N ILE B 63 13.56 0.45 5.34
CA ILE B 63 13.59 0.98 6.68
CA ILE B 63 13.55 0.99 6.70
C ILE B 63 14.85 1.77 6.95
C ILE B 63 14.84 1.71 7.06
N HIS B 64 14.67 2.89 7.65
CA HIS B 64 15.79 3.67 8.20
C HIS B 64 15.71 3.65 9.72
N PHE B 65 16.77 3.17 10.36
CA PHE B 65 16.87 3.22 11.82
C PHE B 65 17.23 4.66 12.20
N GLN B 66 16.37 5.28 13.00
CA GLN B 66 16.58 6.70 13.36
C GLN B 66 17.92 6.87 14.06
N GLY B 67 18.67 7.84 13.57
CA GLY B 67 19.99 8.15 14.12
C GLY B 67 21.14 7.37 13.54
N TRP B 68 20.87 6.45 12.63
CA TRP B 68 21.91 5.67 11.98
C TRP B 68 22.31 6.30 10.65
N ARG B 69 23.49 5.96 10.17
CA ARG B 69 23.91 6.38 8.83
C ARG B 69 23.07 5.64 7.78
N PRO B 70 22.71 6.32 6.67
N PRO B 70 22.79 6.31 6.65
CA PRO B 70 21.78 5.66 5.75
CA PRO B 70 21.87 5.76 5.66
C PRO B 70 22.31 4.37 5.11
C PRO B 70 22.31 4.44 5.02
N SER B 71 23.61 4.16 5.15
N SER B 71 23.60 4.13 5.06
CA SER B 71 24.20 2.94 4.60
CA SER B 71 24.07 2.88 4.48
C SER B 71 23.60 1.72 5.29
C SER B 71 23.67 1.69 5.33
N TYR B 72 23.06 1.97 6.48
CA TYR B 72 22.50 0.90 7.34
C TYR B 72 21.01 0.67 7.09
N ASP B 73 20.43 1.47 6.20
CA ASP B 73 19.02 1.29 5.84
C ASP B 73 18.89 0.02 5.05
N ARG B 74 17.76 -0.66 5.18
N ARG B 74 17.76 -0.65 5.18
CA ARG B 74 17.55 -1.89 4.43
CA ARG B 74 17.55 -1.91 4.50
C ARG B 74 16.11 -2.28 4.26
C ARG B 74 16.10 -2.27 4.25
N ALA B 75 15.94 -3.24 3.36
CA ALA B 75 14.63 -3.77 2.98
C ALA B 75 14.29 -4.98 3.83
N VAL B 76 13.13 -4.92 4.48
CA VAL B 76 12.67 -5.98 5.35
C VAL B 76 11.23 -6.37 5.11
N ARG B 77 10.88 -7.51 5.70
N ARG B 77 10.87 -7.51 5.69
CA ARG B 77 9.50 -8.02 5.70
CA ARG B 77 9.49 -8.01 5.67
C ARG B 77 8.78 -7.52 6.94
C ARG B 77 8.78 -7.54 6.94
N ALA B 78 7.45 -7.53 6.86
CA ALA B 78 6.62 -7.06 7.98
C ALA B 78 6.86 -7.84 9.26
N THR B 79 7.37 -9.05 9.10
CA THR B 79 7.54 -9.94 10.24
C THR B 79 8.51 -9.38 11.27
N VAL B 80 9.37 -8.45 10.87
CA VAL B 80 10.38 -7.90 11.78
C VAL B 80 10.01 -6.50 12.24
N LEU B 81 8.81 -6.08 11.87
CA LEU B 81 8.31 -4.73 12.20
C LEU B 81 7.19 -4.78 13.22
N LEU B 82 7.13 -3.74 14.04
CA LEU B 82 6.04 -3.53 15.00
C LEU B 82 5.54 -2.09 14.92
N LYS B 83 4.27 -1.92 15.21
CA LYS B 83 3.68 -0.59 15.39
C LYS B 83 4.33 0.11 16.57
N ASP B 84 4.56 1.40 16.41
CA ASP B 84 5.20 2.22 17.45
C ASP B 84 4.18 2.68 18.49
N THR B 85 3.78 1.71 19.30
CA THR B 85 2.85 1.91 20.40
C THR B 85 3.56 1.86 21.75
N GLU B 86 2.84 2.27 22.78
CA GLU B 86 3.43 2.32 24.12
C GLU B 86 3.82 0.92 24.55
N GLU B 87 2.99 -0.03 24.17
CA GLU B 87 3.19 -1.43 24.57
C GLU B 87 4.47 -1.95 23.94
N ASN B 88 4.67 -1.61 22.67
CA ASN B 88 5.83 -2.12 21.93
C ASN B 88 7.10 -1.38 22.34
N ARG B 89 6.92 -0.16 22.82
CA ARG B 89 8.05 0.65 23.31
C ARG B 89 8.52 0.11 24.64
N GLN B 90 7.59 -0.48 25.37
CA GLN B 90 7.90 -1.07 26.67
C GLN B 90 8.79 -2.27 26.41
N LEU B 91 8.42 -3.03 25.38
CA LEU B 91 9.20 -4.19 24.97
C LEU B 91 10.58 -3.74 24.55
N GLN B 92 10.61 -2.66 23.78
CA GLN B 92 11.86 -2.10 23.29
C GLN B 92 12.78 -1.80 24.47
N ARG B 93 12.19 -1.24 25.50
CA ARG B 93 12.94 -0.82 26.69
C ARG B 93 13.52 -2.03 27.41
N GLU B 94 12.70 -3.06 27.50
CA GLU B 94 13.07 -4.28 28.22
C GLU B 94 14.23 -4.96 27.50
N LEU B 95 14.12 -4.98 26.17
CA LEU B 95 15.10 -5.67 25.34
C LEU B 95 16.43 -4.94 25.43
N ALA B 96 16.34 -3.63 25.54
CA ALA B 96 17.51 -2.76 25.50
C ALA B 96 18.30 -2.93 26.78
N GLU B 97 17.57 -3.26 27.82
CA GLU B 97 18.15 -3.33 29.16
C GLU B 97 18.83 -4.67 29.28
N ALA B 98 18.23 -5.64 28.60
CA ALA B 98 18.65 -7.04 28.69
C ALA B 98 19.88 -7.21 27.84
N ALA B 99 20.02 -6.29 26.90
CA ALA B 99 21.09 -6.35 25.91
C ALA B 99 22.45 -6.37 26.60
#